data_5BYN
#
_entry.id   5BYN
#
_cell.length_a   190.640
_cell.length_b   190.640
_cell.length_c   190.640
_cell.angle_alpha   90.000
_cell.angle_beta   90.000
_cell.angle_gamma   90.000
#
_symmetry.space_group_name_H-M   'F 2 3'
#
loop_
_entity.id
_entity.type
_entity.pdbx_description
1 polymer Concanavalin-A
2 non-polymer 'CALCIUM ION'
3 non-polymer 'MANGANESE (II) ION'
4 non-polymer 'CADMIUM ION'
5 non-polymer DI(HYDROXYETHYL)ETHER
6 non-polymer 1,2-ETHANEDIOL
7 non-polymer (4R)-4-{[(S)-tert-butoxy(hydroxy)methyl]amino}-5-[(1S)-cyclohex-2-en-1-ylselanyl]pentane-1,1-diol
8 water water
#
_entity_poly.entity_id   1
_entity_poly.type   'polypeptide(L)'
_entity_poly.pdbx_seq_one_letter_code
;ADTIVAVELDTYPNTDIGDPSYPHIGIDIKSVRSKKTAKWNMQNGKVGTAHIIYNSVGKRLSAVVSYPNGDSATVSYDVD
LDNVLPEWVRVGLSASTGLYKETNTILSWSFTSKLKSNSTHETNALHFVFNQFSKDQKDLILQGDATTGTDGNLELTRVS
SNGSPQGNSVGRALFYAPVHIWESSAVVASFDATFTFLIKSSDSHPADGIAFFISNIDSSIPSGSTGRLLGLFPDAN
;
_entity_poly.pdbx_strand_id   A,B
#
loop_
_chem_comp.id
_chem_comp.type
_chem_comp.name
_chem_comp.formula
4WM non-polymer (4R)-4-{[(S)-tert-butoxy(hydroxy)methyl]amino}-5-[(1S)-cyclohex-2-en-1-ylselanyl]pentane-1,1-diol 'C16 H31 N O4 Se'
CA non-polymer 'CALCIUM ION' 'Ca 2'
CD non-polymer 'CADMIUM ION' 'Cd 2'
EDO non-polymer 1,2-ETHANEDIOL 'C2 H6 O2'
MN non-polymer 'MANGANESE (II) ION' 'Mn 2'
PEG non-polymer DI(HYDROXYETHYL)ETHER 'C4 H10 O3'
#
# COMPACT_ATOMS: atom_id res chain seq x y z
N ALA A 1 19.20 19.72 -10.98
CA ALA A 1 17.90 20.24 -11.47
C ALA A 1 16.78 19.36 -10.90
N ASP A 2 15.63 19.32 -11.56
CA ASP A 2 14.42 18.78 -10.96
C ASP A 2 14.40 17.23 -10.71
N THR A 3 14.75 16.79 -9.48
CA THR A 3 14.77 15.36 -9.09
C THR A 3 13.51 14.63 -9.53
N ILE A 4 13.65 13.33 -9.83
CA ILE A 4 12.60 12.53 -10.41
C ILE A 4 12.62 11.12 -9.82
N VAL A 5 11.46 10.49 -9.79
CA VAL A 5 11.29 9.12 -9.42
C VAL A 5 10.22 8.66 -10.40
N ALA A 6 10.48 7.63 -11.18
CA ALA A 6 9.48 7.18 -12.14
C ALA A 6 9.34 5.67 -12.20
N VAL A 7 8.19 5.25 -12.70
CA VAL A 7 7.99 3.89 -13.12
C VAL A 7 7.78 3.96 -14.61
N GLU A 8 8.64 3.25 -15.34
CA GLU A 8 8.66 3.37 -16.80
C GLU A 8 8.20 2.08 -17.41
N LEU A 9 7.26 2.22 -18.34
CA LEU A 9 6.87 1.21 -19.28
C LEU A 9 7.67 1.48 -20.55
N ASP A 10 8.89 0.94 -20.56
CA ASP A 10 9.85 1.16 -21.62
C ASP A 10 9.74 0.07 -22.66
N THR A 11 9.16 0.43 -23.80
CA THR A 11 8.86 -0.50 -24.89
C THR A 11 10.04 -0.72 -25.80
N TYR A 12 11.08 0.11 -25.69
CA TYR A 12 12.17 0.02 -26.67
C TYR A 12 13.54 -0.27 -26.06
N PRO A 13 14.13 -1.44 -26.39
CA PRO A 13 15.47 -1.87 -25.92
C PRO A 13 16.57 -0.96 -26.40
N ASN A 14 16.91 0.03 -25.58
CA ASN A 14 18.04 0.90 -25.83
C ASN A 14 19.25 0.39 -25.11
N THR A 15 20.02 -0.46 -25.74
CA THR A 15 21.27 -0.84 -25.14
C THR A 15 22.43 0.22 -25.28
N ASP A 16 22.26 1.26 -26.08
CA ASP A 16 23.29 2.29 -26.24
C ASP A 16 23.42 2.96 -24.89
N ILE A 17 22.47 2.71 -23.99
CA ILE A 17 22.50 3.33 -22.67
C ILE A 17 22.70 2.25 -21.61
N GLY A 18 21.59 1.74 -21.07
CA GLY A 18 21.66 0.75 -20.02
C GLY A 18 20.48 -0.20 -19.89
N ASP A 19 19.60 -0.23 -20.88
CA ASP A 19 18.46 -1.12 -20.77
C ASP A 19 18.90 -2.54 -20.89
N PRO A 20 17.93 -3.40 -20.66
CA PRO A 20 18.02 -4.76 -21.12
C PRO A 20 17.54 -4.86 -22.57
N SER A 21 17.81 -6.00 -23.19
CA SER A 21 17.60 -6.16 -24.62
C SER A 21 16.19 -6.62 -25.00
N TYR A 22 15.21 -6.34 -24.15
CA TYR A 22 13.80 -6.60 -24.45
C TYR A 22 13.00 -5.44 -23.88
N PRO A 23 11.76 -5.24 -24.33
CA PRO A 23 10.96 -4.15 -23.76
C PRO A 23 10.65 -4.45 -22.30
N HIS A 24 10.44 -3.44 -21.47
CA HIS A 24 10.43 -3.69 -20.04
C HIS A 24 9.85 -2.59 -19.16
N ILE A 25 9.68 -2.94 -17.90
CA ILE A 25 9.29 -2.00 -16.85
C ILE A 25 10.46 -1.83 -15.89
N GLY A 26 10.51 -0.66 -15.30
CA GLY A 26 11.62 -0.33 -14.41
C GLY A 26 11.29 0.80 -13.45
N ILE A 27 12.06 0.84 -12.37
CA ILE A 27 12.01 1.88 -11.36
C ILE A 27 13.23 2.78 -11.50
N ASP A 28 12.96 4.06 -11.75
CA ASP A 28 13.98 5.04 -12.05
C ASP A 28 14.02 6.05 -10.89
N ILE A 29 15.19 6.14 -10.25
CA ILE A 29 15.48 7.11 -9.20
C ILE A 29 16.56 8.04 -9.75
N LYS A 30 16.13 9.16 -10.28
CA LYS A 30 17.06 10.19 -10.72
C LYS A 30 17.84 9.84 -11.98
N SER A 31 17.51 8.72 -12.63
CA SER A 31 18.27 8.27 -13.81
C SER A 31 17.42 7.36 -14.69
N VAL A 32 17.47 7.59 -16.00
CA VAL A 32 16.74 6.73 -16.92
C VAL A 32 17.14 5.26 -16.73
N ARG A 33 18.40 5.04 -16.38
CA ARG A 33 18.90 3.69 -16.13
C ARG A 33 18.20 3.10 -14.92
N SER A 34 17.15 2.31 -15.16
CA SER A 34 16.35 1.76 -14.09
C SER A 34 17.20 1.11 -12.99
N LYS A 35 16.92 1.45 -11.74
CA LYS A 35 17.54 0.81 -10.60
C LYS A 35 17.15 -0.66 -10.50
N LYS A 36 16.02 -1.04 -11.08
CA LYS A 36 15.62 -2.46 -11.22
C LYS A 36 14.69 -2.57 -12.43
N THR A 37 14.54 -3.77 -13.01
CA THR A 37 13.77 -3.84 -14.21
C THR A 37 13.22 -5.24 -14.31
N ALA A 38 12.19 -5.41 -15.12
CA ALA A 38 11.65 -6.72 -15.33
C ALA A 38 11.24 -6.86 -16.75
N LYS A 39 11.28 -8.04 -17.32
CA LYS A 39 10.89 -8.25 -18.68
C LYS A 39 9.43 -8.06 -18.81
N TRP A 40 9.02 -7.35 -19.85
CA TRP A 40 7.63 -6.96 -20.02
C TRP A 40 7.25 -7.12 -21.47
N ASN A 41 6.52 -8.14 -21.85
CA ASN A 41 6.22 -8.12 -23.24
C ASN A 41 4.95 -7.39 -23.52
N MET A 42 5.12 -6.13 -23.83
CA MET A 42 3.98 -5.29 -24.18
C MET A 42 3.20 -5.90 -25.34
N GLN A 43 1.87 -5.82 -25.28
CA GLN A 43 0.97 -6.39 -26.30
C GLN A 43 0.46 -5.25 -27.17
N ASN A 44 0.90 -5.22 -28.41
CA ASN A 44 0.53 -4.13 -29.32
C ASN A 44 -0.99 -3.96 -29.47
N GLY A 45 -1.45 -2.76 -29.15
CA GLY A 45 -2.82 -2.32 -29.38
C GLY A 45 -3.86 -2.94 -28.49
N LYS A 46 -3.45 -3.27 -27.28
CA LYS A 46 -4.31 -3.91 -26.33
C LYS A 46 -4.33 -3.00 -25.11
N VAL A 47 -5.49 -2.82 -24.48
CA VAL A 47 -5.58 -1.88 -23.37
C VAL A 47 -5.02 -2.49 -22.09
N GLY A 48 -4.00 -1.86 -21.54
CA GLY A 48 -3.36 -2.38 -20.34
C GLY A 48 -3.39 -1.42 -19.17
N THR A 49 -3.08 -1.97 -17.99
CA THR A 49 -3.15 -1.23 -16.74
C THR A 49 -1.83 -1.30 -16.01
N ALA A 50 -1.50 -0.23 -15.31
CA ALA A 50 -0.28 -0.13 -14.49
C ALA A 50 -0.60 0.31 -13.08
N HIS A 51 -0.04 -0.35 -12.09
CA HIS A 51 -0.28 0.03 -10.71
C HIS A 51 1.01 0.30 -9.96
N ILE A 52 1.20 1.55 -9.55
CA ILE A 52 2.33 1.89 -8.75
C ILE A 52 1.90 1.97 -7.29
N ILE A 53 2.73 1.45 -6.41
CA ILE A 53 2.38 1.26 -5.04
C ILE A 53 3.60 1.61 -4.18
N TYR A 54 3.38 2.33 -3.10
CA TYR A 54 4.47 2.61 -2.18
C TYR A 54 3.97 3.02 -0.81
N ASN A 55 4.60 2.47 0.24
CA ASN A 55 4.32 2.90 1.61
C ASN A 55 5.60 3.15 2.30
N SER A 56 5.57 4.15 3.18
CA SER A 56 6.78 4.68 3.73
C SER A 56 7.29 3.87 4.93
N VAL A 57 6.59 2.78 5.23
CA VAL A 57 6.99 1.93 6.32
C VAL A 57 7.88 0.83 5.80
N GLY A 58 7.46 0.14 4.75
CA GLY A 58 8.24 -0.92 4.14
C GLY A 58 9.32 -0.49 3.19
N LYS A 59 9.23 0.74 2.71
CA LYS A 59 10.23 1.38 1.84
C LYS A 59 10.49 0.63 0.59
N ARG A 60 9.43 0.32 -0.12
CA ARG A 60 9.52 -0.50 -1.27
C ARG A 60 8.55 0.02 -2.30
N LEU A 61 9.09 0.62 -3.37
CA LEU A 61 8.30 1.06 -4.47
C LEU A 61 8.07 -0.13 -5.36
N SER A 62 6.81 -0.40 -5.70
CA SER A 62 6.40 -1.58 -6.48
C SER A 62 5.55 -1.16 -7.65
N ALA A 63 5.57 -1.95 -8.72
CA ALA A 63 4.79 -1.65 -9.92
C ALA A 63 4.45 -2.90 -10.70
N VAL A 64 3.23 -2.95 -11.23
CA VAL A 64 2.79 -4.09 -12.04
C VAL A 64 1.98 -3.66 -13.26
N VAL A 65 2.38 -4.15 -14.43
CA VAL A 65 1.69 -3.90 -15.68
C VAL A 65 1.04 -5.20 -16.07
N SER A 66 -0.24 -5.13 -16.40
CA SER A 66 -0.98 -6.29 -16.82
C SER A 66 -1.88 -5.97 -17.99
N TYR A 67 -2.24 -7.01 -18.74
CA TYR A 67 -3.21 -6.91 -19.83
C TYR A 67 -4.35 -7.86 -19.54
N PRO A 68 -5.45 -7.77 -20.29
CA PRO A 68 -6.61 -8.62 -20.00
C PRO A 68 -6.39 -10.12 -20.11
N ASN A 69 -5.41 -10.55 -20.91
CA ASN A 69 -5.22 -11.98 -21.14
C ASN A 69 -4.67 -12.76 -19.94
N GLY A 70 -4.33 -12.04 -18.88
CA GLY A 70 -3.72 -12.63 -17.68
C GLY A 70 -2.30 -12.17 -17.51
N ASP A 71 -1.62 -11.85 -18.61
CA ASP A 71 -0.17 -11.57 -18.56
C ASP A 71 0.16 -10.27 -17.84
N SER A 72 1.24 -10.29 -17.06
CA SER A 72 1.70 -9.10 -16.34
C SER A 72 3.14 -9.22 -15.91
N ALA A 73 3.79 -8.08 -15.71
CA ALA A 73 5.17 -8.05 -15.24
C ALA A 73 5.22 -7.15 -13.99
N THR A 74 6.14 -7.47 -13.08
CA THR A 74 6.23 -6.83 -11.79
C THR A 74 7.68 -6.46 -11.49
N VAL A 75 7.85 -5.38 -10.74
CA VAL A 75 9.17 -4.90 -10.40
C VAL A 75 9.07 -4.13 -9.07
N SER A 76 10.04 -4.32 -8.21
CA SER A 76 10.06 -3.64 -6.93
C SER A 76 11.47 -3.17 -6.63
N TYR A 77 11.56 -2.10 -5.82
CA TYR A 77 12.83 -1.54 -5.40
C TYR A 77 12.72 -1.02 -3.96
N ASP A 78 13.66 -1.40 -3.10
CA ASP A 78 13.73 -0.84 -1.75
C ASP A 78 14.34 0.54 -1.81
N VAL A 79 13.57 1.52 -1.41
CA VAL A 79 13.96 2.89 -1.55
C VAL A 79 13.08 3.72 -0.65
N ASP A 80 13.71 4.57 0.16
CA ASP A 80 12.99 5.50 1.02
C ASP A 80 12.81 6.85 0.34
N LEU A 81 11.72 6.97 -0.41
CA LEU A 81 11.41 8.18 -1.17
C LEU A 81 11.50 9.47 -0.35
N ASP A 82 11.20 9.38 0.94
CA ASP A 82 11.31 10.53 1.84
C ASP A 82 12.71 11.16 1.76
N ASN A 83 13.70 10.34 1.43
CA ASN A 83 15.09 10.80 1.31
C ASN A 83 15.51 11.34 -0.02
N VAL A 84 14.74 11.03 -1.05
CA VAL A 84 15.04 11.38 -2.44
C VAL A 84 14.09 12.47 -2.94
N LEU A 85 13.00 12.68 -2.21
CA LEU A 85 11.92 13.52 -2.69
C LEU A 85 11.70 14.66 -1.74
N PRO A 86 11.43 15.85 -2.30
CA PRO A 86 11.02 16.99 -1.49
C PRO A 86 9.70 16.67 -0.86
N GLU A 87 9.44 17.26 0.30
CA GLU A 87 8.15 17.21 0.98
C GLU A 87 6.97 17.40 0.01
N TRP A 88 7.14 18.34 -0.91
CA TRP A 88 6.11 18.70 -1.84
C TRP A 88 6.49 18.57 -3.27
N VAL A 89 5.74 17.79 -4.04
CA VAL A 89 6.05 17.61 -5.46
C VAL A 89 4.83 17.27 -6.30
N ARG A 90 4.91 17.52 -7.61
CA ARG A 90 3.83 17.20 -8.50
C ARG A 90 4.04 15.77 -8.98
N VAL A 91 2.96 15.11 -9.38
CA VAL A 91 3.03 13.76 -9.94
C VAL A 91 2.45 13.84 -11.34
N GLY A 92 2.86 12.92 -12.21
CA GLY A 92 2.27 12.95 -13.53
C GLY A 92 2.54 11.76 -14.40
N LEU A 93 2.11 11.87 -15.63
CA LEU A 93 2.41 10.88 -16.64
C LEU A 93 3.31 11.52 -17.69
N SER A 94 4.17 10.71 -18.29
CA SER A 94 5.05 11.21 -19.33
C SER A 94 5.15 10.18 -20.39
N ALA A 95 5.41 10.60 -21.62
CA ALA A 95 5.70 9.64 -22.68
C ALA A 95 6.47 10.27 -23.82
N SER A 96 7.06 9.44 -24.66
CA SER A 96 7.73 9.93 -25.85
C SER A 96 7.87 8.86 -26.91
N THR A 97 8.09 9.30 -28.14
CA THR A 97 8.42 8.41 -29.25
C THR A 97 9.70 8.96 -29.92
N GLY A 98 10.30 8.20 -30.83
CA GLY A 98 11.50 8.66 -31.52
C GLY A 98 11.46 8.41 -33.01
N LEU A 99 12.49 7.73 -33.52
CA LEU A 99 12.44 7.13 -34.85
C LEU A 99 11.26 6.17 -34.87
N TYR A 100 11.33 5.17 -34.00
CA TYR A 100 10.18 4.32 -33.76
C TYR A 100 9.13 5.06 -32.94
N LYS A 101 7.87 4.75 -33.22
CA LYS A 101 6.75 5.47 -32.62
C LYS A 101 5.58 4.57 -32.31
N GLU A 102 4.79 5.04 -31.35
CA GLU A 102 3.55 4.38 -30.96
C GLU A 102 2.66 5.39 -30.30
N THR A 103 1.39 5.02 -30.21
CA THR A 103 0.38 5.78 -29.46
C THR A 103 0.72 5.73 -27.97
N ASN A 104 0.64 6.86 -27.29
CA ASN A 104 0.78 6.90 -25.84
C ASN A 104 -0.53 7.46 -25.27
N THR A 105 -1.56 6.67 -25.45
CA THR A 105 -2.90 7.09 -25.07
C THR A 105 -3.14 6.61 -23.65
N ILE A 106 -3.51 7.55 -22.79
CA ILE A 106 -3.97 7.25 -21.45
C ILE A 106 -5.50 7.30 -21.43
N LEU A 107 -6.11 6.18 -21.04
CA LEU A 107 -7.58 6.09 -20.92
C LEU A 107 -8.08 6.50 -19.54
N SER A 108 -7.27 6.22 -18.55
CA SER A 108 -7.67 6.45 -17.18
C SER A 108 -6.46 6.68 -16.29
N TRP A 109 -6.59 7.59 -15.35
CA TRP A 109 -5.50 7.82 -14.45
C TRP A 109 -6.04 8.16 -13.06
N SER A 110 -5.60 7.41 -12.07
CA SER A 110 -6.01 7.66 -10.70
C SER A 110 -4.80 7.75 -9.81
N PHE A 111 -4.99 8.37 -8.65
CA PHE A 111 -3.87 8.64 -7.74
C PHE A 111 -4.31 8.93 -6.32
N THR A 112 -3.70 8.23 -5.37
CA THR A 112 -3.94 8.43 -3.95
C THR A 112 -2.62 8.63 -3.23
N SER A 113 -2.53 9.69 -2.42
CA SER A 113 -1.49 9.81 -1.41
C SER A 113 -2.09 10.13 -0.06
N LYS A 114 -1.53 9.53 0.98
CA LYS A 114 -2.02 9.71 2.33
C LYS A 114 -0.84 9.98 3.22
N LEU A 115 -1.00 10.94 4.13
CA LEU A 115 0.03 11.28 5.09
C LEU A 115 -0.55 11.24 6.49
N LYS A 116 -0.09 10.28 7.30
CA LYS A 116 -0.64 10.07 8.60
C LYS A 116 0.30 10.60 9.61
N SER A 117 -0.08 10.41 10.85
CA SER A 117 0.67 10.92 11.94
C SER A 117 -0.05 10.37 13.11
N ASN A 118 0.32 10.95 14.22
CA ASN A 118 -0.34 10.81 15.45
C ASN A 118 -0.75 12.17 15.95
N HIS A 121 -7.66 11.01 14.07
CA HIS A 121 -7.42 10.36 12.84
C HIS A 121 -6.86 11.39 11.89
N GLU A 122 -5.84 12.03 12.39
CA GLU A 122 -5.12 13.08 11.70
C GLU A 122 -4.45 12.41 10.50
N THR A 123 -5.07 12.56 9.34
CA THR A 123 -4.56 11.97 8.14
C THR A 123 -4.90 12.90 7.01
N ASN A 124 -3.90 13.56 6.45
CA ASN A 124 -4.08 14.32 5.23
C ASN A 124 -4.09 13.34 4.05
N ALA A 125 -4.77 13.68 2.96
CA ALA A 125 -4.88 12.81 1.78
C ALA A 125 -5.31 13.56 0.52
N LEU A 126 -4.98 12.98 -0.62
CA LEU A 126 -5.35 13.52 -1.91
C LEU A 126 -5.69 12.37 -2.85
N HIS A 127 -6.95 12.24 -3.20
CA HIS A 127 -7.28 11.28 -4.19
C HIS A 127 -7.84 11.97 -5.43
N PHE A 128 -7.35 11.62 -6.61
CA PHE A 128 -8.02 11.96 -7.85
C PHE A 128 -8.09 10.84 -8.87
N VAL A 129 -9.11 10.91 -9.72
CA VAL A 129 -9.39 9.89 -10.73
C VAL A 129 -9.91 10.51 -12.01
N PHE A 130 -9.22 10.20 -13.10
CA PHE A 130 -9.65 10.53 -14.42
C PHE A 130 -9.96 9.28 -15.18
N ASN A 131 -11.24 9.05 -15.51
CA ASN A 131 -11.62 8.04 -16.50
C ASN A 131 -12.02 8.67 -17.82
N GLN A 132 -12.35 9.95 -17.79
CA GLN A 132 -12.53 10.72 -19.01
C GLN A 132 -11.75 12.02 -18.92
N PHE A 133 -10.90 12.27 -19.89
CA PHE A 133 -10.25 13.55 -20.00
C PHE A 133 -11.06 14.34 -20.98
N SER A 134 -11.06 15.66 -20.82
CA SER A 134 -11.85 16.49 -21.67
C SER A 134 -10.99 17.60 -22.23
N LYS A 135 -11.43 18.23 -23.32
CA LYS A 135 -10.67 19.28 -23.95
C LYS A 135 -10.22 20.31 -22.91
N ASP A 136 -11.03 20.56 -21.90
CA ASP A 136 -10.69 21.58 -20.89
C ASP A 136 -10.39 21.04 -19.50
N GLN A 137 -9.31 20.29 -19.37
CA GLN A 137 -8.90 19.72 -18.09
C GLN A 137 -8.10 20.71 -17.26
N LYS A 138 -8.81 21.64 -16.63
CA LYS A 138 -8.18 22.69 -15.82
C LYS A 138 -7.39 22.20 -14.60
N ASP A 139 -7.49 20.91 -14.27
CA ASP A 139 -6.70 20.31 -13.19
C ASP A 139 -5.52 19.52 -13.72
N LEU A 140 -5.23 19.66 -15.00
CA LEU A 140 -4.01 19.09 -15.55
C LEU A 140 -3.15 20.17 -16.11
N ILE A 141 -1.86 20.09 -15.84
CA ILE A 141 -0.90 20.95 -16.44
C ILE A 141 -0.35 20.08 -17.54
N LEU A 142 -0.70 20.41 -18.78
CA LEU A 142 -0.15 19.71 -19.96
C LEU A 142 1.21 20.29 -20.37
N GLN A 143 2.10 19.40 -20.77
CA GLN A 143 3.43 19.79 -21.22
C GLN A 143 3.78 19.12 -22.53
N GLY A 144 4.59 19.81 -23.33
CA GLY A 144 5.04 19.31 -24.63
C GLY A 144 3.85 18.96 -25.51
N ASP A 145 3.91 17.82 -26.19
CA ASP A 145 2.89 17.47 -27.18
C ASP A 145 1.59 16.86 -26.61
N ALA A 146 1.47 16.79 -25.28
CA ALA A 146 0.29 16.20 -24.61
C ALA A 146 -0.98 17.02 -24.84
N THR A 147 -2.03 16.35 -25.31
CA THR A 147 -3.35 16.94 -25.42
C THR A 147 -4.37 15.95 -24.90
N THR A 148 -5.48 16.48 -24.41
CA THR A 148 -6.57 15.66 -23.88
C THR A 148 -7.61 15.53 -24.97
N GLY A 149 -7.54 14.42 -25.70
CA GLY A 149 -8.33 14.26 -26.93
C GLY A 149 -9.83 14.35 -26.73
N THR A 150 -10.54 14.35 -27.85
CA THR A 150 -12.01 14.47 -27.89
C THR A 150 -12.66 13.10 -27.71
N ASP A 151 -11.81 12.06 -27.84
CA ASP A 151 -12.21 10.65 -27.65
C ASP A 151 -12.30 10.29 -26.15
N GLY A 152 -12.24 11.30 -25.28
CA GLY A 152 -12.17 11.12 -23.82
C GLY A 152 -10.84 10.59 -23.30
N ASN A 153 -9.80 10.59 -24.14
CA ASN A 153 -8.51 10.05 -23.73
C ASN A 153 -7.46 11.12 -23.63
N LEU A 154 -6.39 10.80 -22.94
CA LEU A 154 -5.25 11.68 -22.83
C LEU A 154 -4.20 11.19 -23.83
N GLU A 155 -3.80 12.04 -24.79
CA GLU A 155 -2.80 11.67 -25.81
C GLU A 155 -1.51 12.32 -25.37
N LEU A 156 -0.58 11.54 -24.84
CA LEU A 156 0.64 12.12 -24.26
C LEU A 156 1.58 12.55 -25.37
N THR A 157 1.68 11.73 -26.40
CA THR A 157 2.42 12.09 -27.59
C THR A 157 1.44 12.27 -28.76
N ARG A 158 1.91 12.97 -29.80
CA ARG A 158 1.03 13.41 -30.89
C ARG A 158 0.50 12.24 -31.71
N VAL A 159 -0.79 12.31 -32.02
CA VAL A 159 -1.42 11.35 -32.92
C VAL A 159 -2.02 12.13 -34.11
N SER A 160 -2.16 11.45 -35.23
CA SER A 160 -2.74 12.09 -36.39
C SER A 160 -4.25 12.23 -36.18
N SER A 161 -4.85 13.11 -36.97
CA SER A 161 -6.29 13.26 -37.02
C SER A 161 -6.86 11.92 -37.53
N ASN A 162 -6.04 11.23 -38.35
CA ASN A 162 -6.32 9.86 -38.83
C ASN A 162 -6.32 8.75 -37.76
N GLY A 163 -5.48 8.89 -36.73
CA GLY A 163 -5.32 7.89 -35.66
C GLY A 163 -3.95 7.21 -35.58
N SER A 164 -2.98 7.75 -36.32
CA SER A 164 -1.62 7.20 -36.29
C SER A 164 -0.70 8.09 -35.45
N PRO A 165 0.39 7.51 -34.94
CA PRO A 165 1.33 8.27 -34.12
C PRO A 165 2.41 9.02 -34.88
N GLN A 166 2.73 10.19 -34.33
CA GLN A 166 3.89 10.99 -34.71
C GLN A 166 5.16 10.30 -34.25
N GLY A 167 6.27 10.62 -34.90
CA GLY A 167 7.60 10.29 -34.41
C GLY A 167 8.18 11.49 -33.72
N ASN A 168 9.28 11.27 -33.00
CA ASN A 168 9.97 12.36 -32.32
C ASN A 168 9.00 13.22 -31.53
N SER A 169 8.14 12.58 -30.72
CA SER A 169 7.22 13.35 -29.86
C SER A 169 7.54 13.12 -28.39
N VAL A 170 7.24 14.13 -27.57
CA VAL A 170 7.36 14.02 -26.12
C VAL A 170 6.30 14.85 -25.39
N GLY A 171 5.47 14.19 -24.58
CA GLY A 171 4.44 14.88 -23.79
C GLY A 171 4.22 14.35 -22.39
N ARG A 172 3.63 15.17 -21.53
CA ARG A 172 3.40 14.79 -20.15
C ARG A 172 2.25 15.57 -19.49
N ALA A 173 1.48 14.88 -18.67
CA ALA A 173 0.36 15.46 -17.90
C ALA A 173 0.65 15.38 -16.42
N LEU A 174 0.61 16.52 -15.76
CA LEU A 174 0.83 16.61 -14.33
C LEU A 174 -0.41 17.09 -13.59
N PHE A 175 -0.69 16.49 -12.45
CA PHE A 175 -1.82 16.97 -11.67
C PHE A 175 -1.60 18.43 -11.24
N TYR A 176 -2.63 19.25 -11.30
CA TYR A 176 -2.46 20.68 -11.02
C TYR A 176 -1.98 20.91 -9.60
N ALA A 177 -2.59 20.24 -8.64
CA ALA A 177 -2.29 20.52 -7.25
C ALA A 177 -1.04 19.80 -6.74
N PRO A 178 -0.11 20.56 -6.12
CA PRO A 178 1.00 19.91 -5.51
C PRO A 178 0.58 18.89 -4.44
N VAL A 179 1.31 17.80 -4.37
CA VAL A 179 1.00 16.67 -3.55
C VAL A 179 1.93 16.76 -2.34
N HIS A 180 1.37 16.67 -1.13
CA HIS A 180 2.17 16.54 0.05
C HIS A 180 2.53 15.07 0.25
N ILE A 181 3.65 14.70 -0.35
CA ILE A 181 4.01 13.29 -0.54
C ILE A 181 4.64 12.72 0.70
N TRP A 182 5.18 13.57 1.56
CA TRP A 182 5.57 13.17 2.91
C TRP A 182 5.71 14.41 3.89
N GLU A 183 5.91 14.14 5.15
CA GLU A 183 5.95 15.22 6.14
C GLU A 183 6.83 14.92 7.37
N SER A 184 7.05 15.96 8.25
CA SER A 184 7.76 15.81 9.52
C SER A 184 7.20 14.67 10.43
N SER A 185 5.97 14.83 10.91
CA SER A 185 5.34 13.82 11.77
C SER A 185 4.47 12.96 10.91
N ALA A 186 5.11 12.06 10.18
CA ALA A 186 4.42 11.26 9.21
C ALA A 186 4.78 9.83 9.52
N VAL A 187 3.89 9.17 10.24
CA VAL A 187 4.01 7.77 10.57
C VAL A 187 3.87 6.95 9.27
N VAL A 188 3.06 7.47 8.35
CA VAL A 188 2.81 6.79 7.07
C VAL A 188 2.68 7.90 6.03
N ALA A 189 3.35 7.73 4.91
CA ALA A 189 3.30 8.60 3.80
C ALA A 189 3.24 7.68 2.58
N SER A 190 2.06 7.26 2.18
CA SER A 190 1.96 6.28 1.11
C SER A 190 1.17 6.80 -0.05
N PHE A 191 1.44 6.25 -1.22
CA PHE A 191 0.68 6.59 -2.38
C PHE A 191 0.51 5.41 -3.23
N ASP A 192 -0.41 5.50 -4.19
CA ASP A 192 -0.59 4.44 -5.20
C ASP A 192 -1.23 5.02 -6.45
N ALA A 193 -0.70 4.61 -7.61
CA ALA A 193 -1.19 5.07 -8.93
C ALA A 193 -1.28 4.02 -10.07
N THR A 194 -2.49 3.92 -10.62
CA THR A 194 -2.79 3.14 -11.81
C THR A 194 -3.07 4.09 -12.96
N PHE A 195 -2.56 3.78 -14.14
CA PHE A 195 -3.18 4.31 -15.31
C PHE A 195 -3.51 3.15 -16.23
N THR A 196 -4.47 3.32 -17.09
CA THR A 196 -4.69 2.41 -18.22
C THR A 196 -4.29 3.14 -19.48
N PHE A 197 -3.68 2.38 -20.40
CA PHE A 197 -3.00 2.91 -21.57
C PHE A 197 -3.22 2.04 -22.81
N LEU A 198 -3.14 2.68 -23.97
CA LEU A 198 -3.23 2.00 -25.26
C LEU A 198 -2.03 2.35 -26.11
N ILE A 199 -1.08 1.43 -26.12
CA ILE A 199 0.09 1.50 -26.98
C ILE A 199 -0.12 0.62 -28.22
N LYS A 200 0.00 1.27 -29.38
CA LYS A 200 -0.31 0.71 -30.69
C LYS A 200 0.79 1.14 -31.66
N SER A 201 1.29 0.18 -32.43
CA SER A 201 2.21 0.45 -33.54
C SER A 201 1.85 -0.44 -34.74
N SER A 202 2.18 0.03 -35.93
CA SER A 202 2.22 -0.87 -37.10
C SER A 202 3.66 -1.31 -37.38
N ASP A 203 4.61 -0.41 -37.11
CA ASP A 203 6.05 -0.72 -37.21
C ASP A 203 6.41 -1.92 -36.30
N SER A 204 7.25 -2.81 -36.81
CA SER A 204 7.59 -4.06 -36.07
C SER A 204 8.17 -3.92 -34.64
N HIS A 205 8.71 -2.75 -34.27
CA HIS A 205 9.28 -2.55 -32.94
C HIS A 205 8.91 -1.14 -32.48
N PRO A 206 7.80 -1.03 -31.73
CA PRO A 206 7.39 0.24 -31.15
C PRO A 206 8.40 0.85 -30.18
N ALA A 207 8.19 2.13 -29.91
CA ALA A 207 9.02 2.91 -29.02
C ALA A 207 8.19 4.14 -28.67
N ASP A 208 8.31 4.72 -27.47
CA ASP A 208 9.43 4.49 -26.57
C ASP A 208 9.08 4.13 -25.13
N GLY A 209 7.94 4.61 -24.67
CA GLY A 209 7.28 4.13 -23.46
C GLY A 209 6.52 5.20 -22.70
N ILE A 210 5.89 4.76 -21.63
CA ILE A 210 5.08 5.63 -20.79
C ILE A 210 5.64 5.53 -19.43
N ALA A 211 5.64 6.62 -18.70
CA ALA A 211 6.02 6.55 -17.31
C ALA A 211 5.14 7.41 -16.40
N PHE A 212 4.79 6.83 -15.27
CA PHE A 212 4.33 7.60 -14.14
C PHE A 212 5.56 8.19 -13.49
N PHE A 213 5.51 9.43 -13.05
CA PHE A 213 6.66 10.03 -12.40
C PHE A 213 6.29 11.01 -11.29
N ILE A 214 7.23 11.19 -10.37
CA ILE A 214 7.09 12.15 -9.29
C ILE A 214 8.28 13.10 -9.32
N SER A 215 8.04 14.39 -9.09
CA SER A 215 9.06 15.40 -9.24
C SER A 215 8.68 16.63 -8.45
N ASN A 216 9.60 17.59 -8.32
CA ASN A 216 9.28 18.86 -7.72
C ASN A 216 8.20 19.61 -8.50
N ILE A 217 7.58 20.54 -7.77
CA ILE A 217 6.36 21.24 -8.18
C ILE A 217 6.50 21.94 -9.53
N ASP A 218 7.68 22.49 -9.81
CA ASP A 218 7.89 23.29 -11.03
C ASP A 218 8.56 22.47 -12.15
N SER A 219 8.52 21.15 -12.06
CA SER A 219 9.08 20.31 -13.12
C SER A 219 8.59 20.68 -14.50
N SER A 220 9.54 20.93 -15.39
CA SER A 220 9.24 21.04 -16.80
C SER A 220 10.07 20.03 -17.55
N ILE A 221 9.56 19.60 -18.70
CA ILE A 221 10.30 18.69 -19.55
C ILE A 221 11.70 19.29 -19.68
N PRO A 222 12.74 18.59 -19.21
CA PRO A 222 14.10 19.02 -19.56
C PRO A 222 14.36 18.72 -21.06
N SER A 223 15.16 19.54 -21.73
CA SER A 223 15.22 19.53 -23.21
C SER A 223 15.92 18.32 -23.84
N GLY A 224 15.40 17.95 -25.03
CA GLY A 224 15.87 16.81 -25.81
C GLY A 224 15.56 15.41 -25.25
N SER A 225 14.87 15.33 -24.11
CA SER A 225 14.53 14.03 -23.52
C SER A 225 13.35 13.45 -24.26
N THR A 226 13.58 13.06 -25.50
CA THR A 226 12.55 12.52 -26.37
C THR A 226 13.11 11.17 -26.73
N GLY A 227 12.27 10.30 -27.26
CA GLY A 227 12.68 8.91 -27.45
C GLY A 227 13.06 8.28 -26.14
N ARG A 228 14.31 7.81 -26.05
CA ARG A 228 14.78 6.89 -24.99
C ARG A 228 14.79 7.48 -23.59
N LEU A 229 14.70 8.81 -23.47
CA LEU A 229 14.62 9.45 -22.15
C LEU A 229 13.21 9.77 -21.67
N LEU A 230 12.20 9.40 -22.48
CA LEU A 230 10.80 9.32 -22.00
C LEU A 230 10.24 10.61 -21.33
N GLY A 231 10.82 11.76 -21.70
CA GLY A 231 10.35 13.06 -21.21
C GLY A 231 10.73 13.39 -19.79
N LEU A 232 11.64 12.62 -19.22
CA LEU A 232 11.91 12.69 -17.78
C LEU A 232 13.29 13.25 -17.38
N PHE A 233 14.36 12.73 -17.98
CA PHE A 233 15.72 13.09 -17.61
C PHE A 233 16.38 13.80 -18.78
N PRO A 234 17.30 14.75 -18.51
CA PRO A 234 17.91 15.53 -19.58
C PRO A 234 18.80 14.71 -20.52
N ASP A 235 19.57 13.80 -19.91
CA ASP A 235 20.57 12.99 -20.60
C ASP A 235 20.36 11.53 -20.14
N ALA A 236 21.37 10.67 -20.29
CA ALA A 236 21.23 9.25 -19.92
C ALA A 236 22.12 8.83 -18.75
N ASN A 237 22.47 9.79 -17.91
CA ASN A 237 23.27 9.49 -16.74
C ASN A 237 22.50 8.65 -15.74
N ALA B 1 -5.33 -26.41 14.41
CA ALA B 1 -4.63 -25.09 14.46
C ALA B 1 -5.06 -24.23 13.29
N ASP B 2 -5.74 -23.12 13.58
CA ASP B 2 -6.23 -22.26 12.53
C ASP B 2 -5.02 -21.67 11.82
N THR B 3 -5.20 -21.09 10.63
CA THR B 3 -4.12 -20.30 10.03
C THR B 3 -4.25 -18.93 10.65
N ILE B 4 -3.12 -18.32 11.02
CA ILE B 4 -3.12 -16.97 11.52
C ILE B 4 -1.95 -16.22 10.90
N VAL B 5 -2.25 -15.04 10.37
CA VAL B 5 -1.25 -14.07 10.06
C VAL B 5 -1.58 -12.94 10.98
N ALA B 6 -0.60 -12.38 11.69
CA ALA B 6 -0.93 -11.31 12.62
C ALA B 6 0.18 -10.28 12.75
N VAL B 7 -0.23 -9.10 13.15
CA VAL B 7 0.68 -8.08 13.60
C VAL B 7 0.38 -7.90 15.07
N GLU B 8 1.39 -8.15 15.90
CA GLU B 8 1.15 -8.28 17.33
C GLU B 8 1.74 -7.06 18.03
N LEU B 9 0.94 -6.47 18.90
CA LEU B 9 1.40 -5.45 19.84
C LEU B 9 1.67 -6.16 21.19
N ASP B 10 2.89 -6.70 21.31
CA ASP B 10 3.28 -7.48 22.48
C ASP B 10 3.77 -6.56 23.59
N THR B 11 3.00 -6.48 24.67
CA THR B 11 3.36 -5.62 25.80
C THR B 11 4.15 -6.37 26.88
N TYR B 12 4.04 -7.70 26.90
CA TYR B 12 4.76 -8.49 27.92
C TYR B 12 5.88 -9.24 27.26
N PRO B 13 7.13 -9.04 27.73
CA PRO B 13 8.29 -9.79 27.24
C PRO B 13 8.31 -11.22 27.79
N ASN B 14 7.77 -12.16 27.04
CA ASN B 14 7.84 -13.57 27.38
C ASN B 14 9.15 -13.98 26.78
N THR B 15 10.14 -14.32 27.59
CA THR B 15 11.42 -14.76 27.06
C THR B 15 11.42 -16.30 27.11
N ASP B 16 10.28 -16.90 27.41
CA ASP B 16 10.13 -18.35 27.38
C ASP B 16 9.74 -18.65 25.95
N ILE B 17 8.61 -18.07 25.56
CA ILE B 17 8.27 -17.90 24.15
C ILE B 17 9.36 -16.97 23.68
N GLY B 18 9.94 -17.14 22.49
CA GLY B 18 11.15 -16.36 22.14
C GLY B 18 10.92 -14.88 21.85
N ASP B 19 10.56 -14.11 22.87
CA ASP B 19 10.18 -12.73 22.70
C ASP B 19 11.36 -11.93 23.16
N PRO B 20 11.75 -10.90 22.40
CA PRO B 20 12.84 -10.09 22.92
C PRO B 20 12.50 -9.58 24.33
N SER B 21 13.52 -9.10 25.03
CA SER B 21 13.37 -8.76 26.45
C SER B 21 12.70 -7.39 26.68
N TYR B 22 11.89 -6.94 25.75
CA TYR B 22 11.23 -5.66 25.87
C TYR B 22 9.90 -5.77 25.13
N PRO B 23 8.96 -4.85 25.40
CA PRO B 23 7.76 -4.77 24.57
C PRO B 23 8.15 -4.55 23.11
N HIS B 24 7.28 -4.96 22.20
CA HIS B 24 7.64 -5.00 20.79
C HIS B 24 6.45 -5.21 19.90
N ILE B 25 6.59 -4.74 18.67
CA ILE B 25 5.70 -5.13 17.58
C ILE B 25 6.37 -6.27 16.85
N GLY B 26 5.54 -7.17 16.38
CA GLY B 26 6.05 -8.30 15.68
C GLY B 26 5.10 -8.66 14.60
N ILE B 27 5.62 -9.41 13.64
CA ILE B 27 4.83 -9.95 12.58
C ILE B 27 4.87 -11.45 12.75
N ASP B 28 3.68 -12.04 12.88
CA ASP B 28 3.51 -13.45 13.17
C ASP B 28 2.88 -14.15 11.96
N ILE B 29 3.57 -15.15 11.44
CA ILE B 29 2.99 -16.09 10.43
C ILE B 29 2.85 -17.47 11.06
N LYS B 30 1.62 -17.90 11.30
CA LYS B 30 1.28 -19.26 11.77
C LYS B 30 1.99 -19.65 13.06
N SER B 31 2.54 -18.67 13.77
CA SER B 31 3.23 -18.94 15.02
C SER B 31 3.34 -17.66 15.84
N VAL B 32 3.38 -17.82 17.16
CA VAL B 32 3.56 -16.68 18.05
C VAL B 32 4.98 -16.15 18.00
N ARG B 33 5.95 -17.01 17.72
CA ARG B 33 7.33 -16.57 17.58
C ARG B 33 7.41 -15.73 16.33
N SER B 34 7.49 -14.42 16.52
CA SER B 34 7.43 -13.52 15.40
C SER B 34 8.49 -13.85 14.36
N LYS B 35 8.14 -13.61 13.10
CA LYS B 35 9.11 -13.67 12.03
C LYS B 35 10.02 -12.46 12.05
N LYS B 36 9.56 -11.36 12.62
CA LYS B 36 10.32 -10.13 12.70
C LYS B 36 9.75 -9.27 13.79
N THR B 37 10.63 -8.61 14.55
CA THR B 37 10.20 -7.81 15.69
C THR B 37 10.89 -6.46 15.69
N ALA B 38 10.35 -5.52 16.45
CA ALA B 38 11.03 -4.25 16.72
C ALA B 38 10.66 -3.77 18.11
N LYS B 39 11.63 -3.22 18.83
CA LYS B 39 11.41 -2.68 20.17
C LYS B 39 10.39 -1.56 20.16
N TRP B 40 9.50 -1.58 21.15
CA TRP B 40 8.37 -0.67 21.22
C TRP B 40 8.25 -0.05 22.59
N ASN B 41 8.58 1.25 22.70
CA ASN B 41 8.38 2.01 23.92
C ASN B 41 6.86 2.23 24.12
N MET B 42 6.27 1.24 24.77
CA MET B 42 4.89 1.28 25.18
C MET B 42 4.77 2.47 26.12
N GLN B 43 3.71 3.25 25.96
CA GLN B 43 3.48 4.41 26.82
C GLN B 43 2.18 4.19 27.57
N ASN B 44 2.26 4.18 28.89
CA ASN B 44 1.10 3.78 29.68
C ASN B 44 -0.02 4.81 29.64
N GLY B 45 -1.22 4.33 29.31
CA GLY B 45 -2.44 5.12 29.45
C GLY B 45 -2.66 6.14 28.36
N LYS B 46 -1.85 6.03 27.33
CA LYS B 46 -1.92 6.90 26.18
C LYS B 46 -2.65 6.20 25.05
N VAL B 47 -3.08 7.01 24.09
CA VAL B 47 -3.84 6.52 22.95
C VAL B 47 -2.84 6.26 21.85
N GLY B 48 -2.67 5.00 21.49
CA GLY B 48 -1.76 4.66 20.43
C GLY B 48 -2.49 4.35 19.14
N THR B 49 -1.75 4.42 18.03
CA THR B 49 -2.28 4.12 16.71
C THR B 49 -1.42 3.11 15.97
N ALA B 50 -2.06 2.03 15.50
CA ALA B 50 -1.39 1.04 14.67
C ALA B 50 -1.92 1.04 13.24
N HIS B 51 -1.01 0.85 12.29
CA HIS B 51 -1.29 0.80 10.87
C HIS B 51 -0.63 -0.46 10.35
N ILE B 52 -1.39 -1.32 9.70
CA ILE B 52 -0.85 -2.47 9.03
C ILE B 52 -1.07 -2.32 7.53
N ILE B 53 -0.06 -2.57 6.72
CA ILE B 53 -0.17 -2.38 5.28
C ILE B 53 0.47 -3.55 4.58
N TYR B 54 -0.13 -3.96 3.47
CA TYR B 54 0.44 -5.02 2.66
C TYR B 54 -0.03 -4.88 1.25
N ASN B 55 0.89 -4.88 0.31
CA ASN B 55 0.46 -5.06 -1.08
C ASN B 55 1.15 -6.27 -1.60
N SER B 56 0.48 -6.91 -2.54
CA SER B 56 0.97 -8.19 -3.00
C SER B 56 2.01 -8.07 -4.11
N VAL B 57 2.24 -6.86 -4.59
CA VAL B 57 3.24 -6.69 -5.63
C VAL B 57 4.60 -6.77 -4.95
N GLY B 58 4.86 -5.86 -4.03
CA GLY B 58 6.10 -5.89 -3.28
C GLY B 58 6.25 -6.97 -2.26
N LYS B 59 5.16 -7.63 -1.90
CA LYS B 59 5.16 -8.82 -1.04
C LYS B 59 5.81 -8.56 0.28
N ARG B 60 5.40 -7.48 0.91
CA ARG B 60 5.98 -7.10 2.16
C ARG B 60 4.92 -6.60 3.08
N LEU B 61 4.75 -7.31 4.19
CA LEU B 61 3.81 -6.89 5.22
C LEU B 61 4.55 -5.91 6.11
N SER B 62 3.95 -4.75 6.39
CA SER B 62 4.55 -3.77 7.29
C SER B 62 3.56 -3.28 8.32
N ALA B 63 4.10 -2.82 9.46
CA ALA B 63 3.32 -2.27 10.56
C ALA B 63 4.05 -1.13 11.24
N VAL B 64 3.31 -0.17 11.75
CA VAL B 64 3.94 0.91 12.53
C VAL B 64 3.00 1.26 13.68
N VAL B 65 3.49 1.21 14.90
CA VAL B 65 2.71 1.73 16.01
C VAL B 65 3.31 3.05 16.38
N SER B 66 2.46 3.98 16.75
CA SER B 66 2.89 5.31 17.05
C SER B 66 2.01 5.95 18.12
N TYR B 67 2.62 6.81 18.94
CA TYR B 67 1.91 7.49 20.01
C TYR B 67 1.86 8.99 19.71
N PRO B 68 0.92 9.73 20.32
CA PRO B 68 0.81 11.16 19.98
C PRO B 68 2.01 12.01 20.31
N ASN B 69 2.83 11.58 21.26
CA ASN B 69 4.05 12.30 21.60
C ASN B 69 5.09 12.26 20.48
N GLY B 70 4.75 11.59 19.38
CA GLY B 70 5.67 11.48 18.22
C GLY B 70 6.41 10.17 18.05
N ASP B 71 6.48 9.38 19.12
CA ASP B 71 7.31 8.17 19.14
C ASP B 71 6.59 7.02 18.48
N SER B 72 7.35 6.19 17.76
CA SER B 72 6.81 5.08 16.96
C SER B 72 7.82 3.99 16.68
N ALA B 73 7.33 2.77 16.47
CA ALA B 73 8.15 1.59 16.14
C ALA B 73 7.60 0.97 14.87
N THR B 74 8.49 0.53 13.98
CA THR B 74 8.11 -0.13 12.74
C THR B 74 8.75 -1.50 12.62
N VAL B 75 8.02 -2.44 12.03
CA VAL B 75 8.55 -3.74 11.69
C VAL B 75 8.00 -4.11 10.31
N SER B 76 8.76 -4.86 9.52
CA SER B 76 8.31 -5.29 8.19
C SER B 76 8.90 -6.67 7.83
N TYR B 77 8.22 -7.38 6.94
CA TYR B 77 8.53 -8.76 6.64
C TYR B 77 8.10 -9.08 5.21
N ASP B 78 8.92 -9.85 4.51
CA ASP B 78 8.63 -10.23 3.13
C ASP B 78 7.94 -11.63 2.98
N VAL B 79 6.75 -11.66 2.40
CA VAL B 79 6.07 -12.93 2.10
C VAL B 79 4.91 -12.80 1.10
N ASP B 80 4.68 -13.84 0.29
CA ASP B 80 3.55 -13.85 -0.63
C ASP B 80 2.46 -14.43 0.26
N LEU B 81 1.68 -13.54 0.88
CA LEU B 81 0.64 -13.96 1.83
C LEU B 81 -0.39 -14.83 1.10
N ASP B 82 -0.56 -14.69 -0.23
CA ASP B 82 -1.32 -15.67 -1.02
C ASP B 82 -0.84 -17.10 -0.84
N ASN B 83 0.45 -17.30 -0.58
CA ASN B 83 0.97 -18.65 -0.32
C ASN B 83 0.46 -19.26 0.97
N VAL B 84 0.14 -18.42 1.94
CA VAL B 84 -0.10 -18.82 3.31
C VAL B 84 -1.57 -18.67 3.73
N LEU B 85 -2.33 -17.85 3.00
CA LEU B 85 -3.70 -17.54 3.37
C LEU B 85 -4.61 -18.17 2.36
N PRO B 86 -5.84 -18.51 2.79
CA PRO B 86 -6.85 -19.01 1.88
C PRO B 86 -7.41 -17.78 1.18
N GLU B 87 -7.96 -18.03 -0.01
CA GLU B 87 -8.68 -17.06 -0.81
C GLU B 87 -9.50 -16.16 0.11
N TRP B 88 -10.34 -16.82 0.89
CA TRP B 88 -11.29 -16.15 1.77
C TRP B 88 -10.90 -16.28 3.22
N VAL B 89 -11.01 -15.20 3.94
CA VAL B 89 -10.59 -15.11 5.31
C VAL B 89 -11.49 -14.13 6.06
N ARG B 90 -11.52 -14.23 7.38
CA ARG B 90 -12.00 -13.12 8.18
C ARG B 90 -10.80 -12.40 8.76
N VAL B 91 -11.00 -11.14 9.10
CA VAL B 91 -9.98 -10.33 9.75
C VAL B 91 -10.52 -9.87 11.08
N GLY B 92 -9.63 -9.51 11.98
CA GLY B 92 -10.09 -9.15 13.30
C GLY B 92 -9.03 -8.63 14.22
N LEU B 93 -9.44 -8.44 15.46
CA LEU B 93 -8.61 -7.88 16.50
C LEU B 93 -8.62 -8.84 17.68
N SER B 94 -7.48 -8.97 18.33
CA SER B 94 -7.39 -9.86 19.45
C SER B 94 -6.64 -9.16 20.51
N ALA B 95 -6.90 -9.55 21.75
CA ALA B 95 -6.11 -9.09 22.87
C ALA B 95 -6.22 -10.10 23.98
N SER B 96 -5.31 -9.99 24.94
CA SER B 96 -5.37 -10.82 26.12
C SER B 96 -4.64 -10.20 27.32
N THR B 97 -5.01 -10.71 28.50
CA THR B 97 -4.30 -10.43 29.74
C THR B 97 -3.88 -11.76 30.39
N GLY B 98 -3.01 -11.68 31.38
CA GLY B 98 -2.56 -12.86 32.11
C GLY B 98 -2.65 -12.68 33.62
N LEU B 99 -1.53 -12.84 34.34
CA LEU B 99 -1.44 -12.38 35.75
C LEU B 99 -1.34 -10.89 35.71
N TYR B 100 -0.47 -10.39 34.83
CA TYR B 100 -0.50 -8.98 34.46
C TYR B 100 -1.63 -8.65 33.49
N LYS B 101 -2.07 -7.41 33.58
CA LYS B 101 -3.38 -6.98 33.08
C LYS B 101 -3.27 -5.56 32.55
N GLU B 102 -4.22 -5.21 31.69
CA GLU B 102 -4.21 -3.89 31.01
C GLU B 102 -5.48 -3.73 30.24
N THR B 103 -5.93 -2.49 30.12
CA THR B 103 -7.09 -2.17 29.28
C THR B 103 -6.67 -2.54 27.88
N ASN B 104 -7.44 -3.35 27.16
CA ASN B 104 -7.19 -3.56 25.71
C ASN B 104 -8.28 -2.89 24.87
N THR B 105 -8.43 -1.61 25.07
CA THR B 105 -9.58 -0.87 24.56
C THR B 105 -9.27 -0.41 23.14
N ILE B 106 -10.15 -0.75 22.21
CA ILE B 106 -10.02 -0.29 20.82
C ILE B 106 -11.00 0.85 20.63
N LEU B 107 -10.47 2.03 20.31
CA LEU B 107 -11.30 3.22 20.07
C LEU B 107 -11.74 3.32 18.62
N SER B 108 -10.90 2.84 17.71
CA SER B 108 -11.21 2.92 16.32
C SER B 108 -10.61 1.73 15.58
N TRP B 109 -11.29 1.28 14.54
CA TRP B 109 -10.73 0.24 13.69
C TRP B 109 -11.26 0.43 12.25
N SER B 110 -10.33 0.43 11.30
CA SER B 110 -10.68 0.48 9.89
C SER B 110 -9.86 -0.47 9.04
N PHE B 111 -10.45 -0.92 7.95
CA PHE B 111 -9.80 -1.92 7.12
C PHE B 111 -10.22 -1.74 5.67
N THR B 112 -9.28 -2.00 4.76
CA THR B 112 -9.55 -1.99 3.33
C THR B 112 -8.77 -3.09 2.68
N SER B 113 -9.47 -3.91 1.89
CA SER B 113 -8.85 -4.91 1.04
C SER B 113 -9.29 -4.62 -0.37
N LYS B 114 -8.39 -4.80 -1.33
CA LYS B 114 -8.70 -4.54 -2.74
C LYS B 114 -8.05 -5.55 -3.68
N LEU B 115 -8.87 -6.21 -4.48
CA LEU B 115 -8.42 -7.14 -5.50
C LEU B 115 -8.58 -6.49 -6.83
N LYS B 116 -7.45 -6.26 -7.50
CA LYS B 116 -7.43 -5.60 -8.81
C LYS B 116 -6.94 -6.66 -9.78
N SER B 117 -7.86 -7.20 -10.56
CA SER B 117 -7.53 -8.13 -11.62
C SER B 117 -7.25 -7.38 -12.89
N ASN B 118 -7.23 -8.14 -13.98
CA ASN B 118 -6.64 -7.69 -15.21
C ASN B 118 -7.40 -6.70 -16.07
N SER B 119 -7.83 -5.58 -15.48
CA SER B 119 -8.65 -4.62 -16.23
C SER B 119 -8.62 -3.13 -15.82
N THR B 120 -9.56 -2.39 -16.40
CA THR B 120 -9.64 -0.93 -16.28
C THR B 120 -10.19 -0.44 -14.93
N HIS B 121 -9.29 -0.33 -13.96
CA HIS B 121 -9.56 0.29 -12.68
C HIS B 121 -10.88 -0.15 -12.02
N GLU B 122 -11.37 -1.35 -12.38
CA GLU B 122 -12.49 -2.00 -11.73
C GLU B 122 -11.92 -2.98 -10.68
N THR B 123 -12.24 -2.74 -9.42
CA THR B 123 -11.63 -3.47 -8.37
C THR B 123 -12.69 -4.08 -7.49
N ASN B 124 -12.54 -5.37 -7.18
CA ASN B 124 -13.12 -5.92 -5.99
C ASN B 124 -12.53 -5.15 -4.84
N ALA B 125 -13.36 -4.73 -3.89
CA ALA B 125 -12.87 -4.03 -2.71
C ALA B 125 -13.86 -4.09 -1.55
N LEU B 126 -13.32 -4.05 -0.34
CA LEU B 126 -14.07 -3.96 0.87
C LEU B 126 -13.40 -2.91 1.74
N HIS B 127 -14.21 -2.06 2.33
CA HIS B 127 -13.72 -1.05 3.21
C HIS B 127 -14.69 -0.82 4.32
N PHE B 128 -14.22 -0.98 5.54
CA PHE B 128 -15.01 -0.65 6.71
C PHE B 128 -14.25 0.24 7.73
N VAL B 129 -15.01 1.12 8.38
CA VAL B 129 -14.47 1.99 9.43
C VAL B 129 -15.38 2.03 10.67
N PHE B 130 -14.79 1.73 11.82
CA PHE B 130 -15.43 1.83 13.10
C PHE B 130 -14.71 2.88 13.95
N ASN B 131 -15.35 4.02 14.16
CA ASN B 131 -14.90 4.98 15.19
C ASN B 131 -15.89 5.07 16.35
N GLN B 132 -17.01 4.37 16.29
CA GLN B 132 -17.90 4.20 17.42
C GLN B 132 -18.43 2.79 17.42
N PHE B 133 -18.07 2.02 18.41
CA PHE B 133 -18.63 0.70 18.56
C PHE B 133 -19.86 0.88 19.39
N SER B 134 -20.88 0.05 19.15
CA SER B 134 -22.16 0.22 19.76
C SER B 134 -22.60 -1.11 20.33
N LYS B 135 -23.30 -1.04 21.46
CA LYS B 135 -23.70 -2.23 22.20
C LYS B 135 -23.96 -3.39 21.26
N ASP B 136 -24.95 -3.22 20.38
CA ASP B 136 -25.27 -4.24 19.41
C ASP B 136 -24.68 -3.93 18.04
N GLN B 137 -23.50 -4.49 17.81
CA GLN B 137 -22.69 -4.22 16.66
C GLN B 137 -22.75 -5.46 15.73
N LYS B 138 -23.83 -5.54 14.94
CA LYS B 138 -24.17 -6.74 14.17
C LYS B 138 -23.20 -7.16 13.07
N ASP B 139 -22.24 -6.31 12.75
CA ASP B 139 -21.25 -6.59 11.71
C ASP B 139 -19.91 -6.93 12.30
N LEU B 140 -19.88 -7.08 13.63
CA LEU B 140 -18.74 -7.67 14.32
C LEU B 140 -19.15 -9.01 14.88
N ILE B 141 -18.24 -9.96 14.86
CA ILE B 141 -18.43 -11.26 15.44
C ILE B 141 -17.56 -11.18 16.68
N LEU B 142 -18.17 -10.89 17.82
CA LEU B 142 -17.42 -10.83 19.07
C LEU B 142 -17.14 -12.25 19.58
N GLN B 143 -15.93 -12.47 20.02
CA GLN B 143 -15.59 -13.77 20.63
C GLN B 143 -15.00 -13.54 22.00
N GLY B 144 -15.10 -14.55 22.86
CA GLY B 144 -14.44 -14.54 24.16
C GLY B 144 -14.96 -13.43 25.06
N ASP B 145 -14.07 -12.63 25.65
CA ASP B 145 -14.50 -11.59 26.61
C ASP B 145 -14.76 -10.21 25.96
N ALA B 146 -14.64 -10.17 24.64
CA ALA B 146 -14.81 -8.91 23.91
C ALA B 146 -16.25 -8.42 24.02
N THR B 147 -16.39 -7.21 24.53
CA THR B 147 -17.65 -6.50 24.49
C THR B 147 -17.40 -5.17 23.81
N THR B 148 -18.42 -4.69 23.09
CA THR B 148 -18.39 -3.36 22.45
C THR B 148 -19.31 -2.60 23.30
N GLY B 149 -18.76 -1.88 24.24
CA GLY B 149 -19.61 -1.31 25.27
C GLY B 149 -20.40 -0.17 24.71
N THR B 150 -20.89 0.65 25.63
CA THR B 150 -21.69 1.82 25.32
C THR B 150 -20.83 3.06 25.24
N ASP B 151 -19.54 2.94 25.66
CA ASP B 151 -18.59 4.05 25.67
C ASP B 151 -18.08 4.39 24.26
N GLY B 152 -18.57 3.64 23.27
CA GLY B 152 -18.09 3.81 21.89
C GLY B 152 -16.80 3.08 21.65
N ASN B 153 -16.41 2.24 22.61
CA ASN B 153 -15.13 1.57 22.55
C ASN B 153 -15.28 0.08 22.54
N LEU B 154 -14.44 -0.58 21.78
CA LEU B 154 -14.34 -2.01 21.79
C LEU B 154 -13.40 -2.37 22.95
N GLU B 155 -13.89 -3.18 23.88
CA GLU B 155 -13.06 -3.76 24.95
C GLU B 155 -12.82 -5.21 24.59
N LEU B 156 -11.64 -5.50 24.06
CA LEU B 156 -11.35 -6.87 23.64
C LEU B 156 -11.17 -7.79 24.82
N THR B 157 -10.65 -7.28 25.92
CA THR B 157 -10.65 -8.06 27.15
C THR B 157 -11.41 -7.40 28.32
N ARG B 158 -11.78 -8.24 29.32
CA ARG B 158 -12.68 -7.84 30.42
C ARG B 158 -12.15 -6.64 31.23
N VAL B 159 -13.08 -5.81 31.70
CA VAL B 159 -12.76 -4.62 32.46
C VAL B 159 -13.89 -4.37 33.46
N SER B 160 -13.55 -3.84 34.61
CA SER B 160 -14.57 -3.56 35.58
C SER B 160 -15.23 -2.24 35.19
N SER B 161 -16.43 -2.03 35.71
CA SER B 161 -17.13 -0.75 35.61
C SER B 161 -16.36 0.39 36.27
N ASN B 162 -15.23 0.08 36.91
CA ASN B 162 -14.37 1.07 37.58
C ASN B 162 -12.99 1.22 36.95
N GLY B 163 -12.89 0.94 35.64
CA GLY B 163 -11.67 1.19 34.86
C GLY B 163 -10.45 0.30 35.14
N SER B 164 -10.63 -0.74 35.96
CA SER B 164 -9.56 -1.72 36.21
C SER B 164 -9.76 -2.95 35.31
N PRO B 165 -8.71 -3.33 34.56
CA PRO B 165 -8.75 -4.50 33.66
C PRO B 165 -8.72 -5.79 34.42
N GLN B 166 -9.22 -6.86 33.79
CA GLN B 166 -9.14 -8.18 34.38
C GLN B 166 -8.00 -8.95 33.73
N GLY B 167 -7.26 -9.65 34.58
CA GLY B 167 -6.34 -10.68 34.14
C GLY B 167 -7.06 -11.92 33.63
N ASN B 168 -6.28 -12.90 33.14
CA ASN B 168 -6.81 -14.14 32.60
C ASN B 168 -8.01 -13.90 31.68
N SER B 169 -7.84 -12.98 30.72
CA SER B 169 -8.94 -12.68 29.78
C SER B 169 -8.48 -12.72 28.34
N VAL B 170 -9.28 -13.36 27.48
CA VAL B 170 -9.04 -13.36 26.03
C VAL B 170 -10.28 -12.90 25.27
N GLY B 171 -10.09 -11.96 24.33
CA GLY B 171 -11.20 -11.48 23.50
C GLY B 171 -10.82 -11.12 22.09
N ARG B 172 -11.81 -11.14 21.19
CA ARG B 172 -11.55 -10.84 19.79
C ARG B 172 -12.77 -10.32 19.03
N ALA B 173 -12.52 -9.37 18.13
CA ALA B 173 -13.52 -8.82 17.22
C ALA B 173 -13.17 -9.16 15.80
N LEU B 174 -14.10 -9.80 15.09
CA LEU B 174 -13.95 -10.14 13.69
C LEU B 174 -15.02 -9.47 12.83
N PHE B 175 -14.63 -8.98 11.66
CA PHE B 175 -15.64 -8.46 10.75
C PHE B 175 -16.58 -9.62 10.36
N TYR B 176 -17.86 -9.31 10.21
CA TYR B 176 -18.87 -10.33 10.02
C TYR B 176 -18.71 -10.94 8.63
N ALA B 177 -18.51 -10.12 7.62
CA ALA B 177 -18.27 -10.62 6.27
C ALA B 177 -16.88 -11.25 6.05
N PRO B 178 -16.80 -12.39 5.34
CA PRO B 178 -15.51 -12.86 4.91
C PRO B 178 -14.93 -11.91 3.86
N VAL B 179 -13.61 -11.84 3.84
CA VAL B 179 -12.88 -10.89 3.02
C VAL B 179 -12.16 -11.61 1.88
N HIS B 180 -12.25 -11.08 0.67
CA HIS B 180 -11.62 -11.70 -0.48
C HIS B 180 -10.21 -11.19 -0.61
N ILE B 181 -9.34 -11.81 0.15
CA ILE B 181 -7.95 -11.42 0.27
C ILE B 181 -7.20 -11.83 -0.98
N TRP B 182 -7.64 -12.86 -1.68
CA TRP B 182 -7.04 -13.19 -2.98
C TRP B 182 -7.93 -14.03 -3.90
N GLU B 183 -7.42 -14.41 -5.07
CA GLU B 183 -8.13 -15.31 -5.95
C GLU B 183 -7.13 -15.54 -7.05
N SER B 184 -7.35 -16.61 -7.78
CA SER B 184 -6.34 -17.18 -8.68
C SER B 184 -5.64 -16.09 -9.50
N SER B 185 -6.42 -15.35 -10.27
CA SER B 185 -5.92 -14.52 -11.32
C SER B 185 -5.85 -13.06 -10.90
N ALA B 186 -5.14 -12.79 -9.83
CA ALA B 186 -5.26 -11.57 -9.08
C ALA B 186 -3.91 -10.82 -9.04
N VAL B 187 -3.78 -9.89 -9.98
CA VAL B 187 -2.56 -9.14 -10.27
C VAL B 187 -2.12 -8.27 -9.08
N VAL B 188 -3.10 -7.76 -8.32
CA VAL B 188 -2.85 -7.02 -7.06
C VAL B 188 -3.96 -7.35 -6.02
N ALA B 189 -3.55 -7.86 -4.89
CA ALA B 189 -4.36 -7.97 -3.74
C ALA B 189 -3.63 -7.06 -2.77
N SER B 190 -4.36 -6.30 -1.98
CA SER B 190 -3.70 -5.43 -1.02
C SER B 190 -4.65 -5.07 0.04
N PHE B 191 -4.13 -4.86 1.23
CA PHE B 191 -4.97 -4.48 2.32
C PHE B 191 -4.24 -3.57 3.24
N ASP B 192 -4.96 -2.95 4.14
CA ASP B 192 -4.38 -2.10 5.17
C ASP B 192 -5.37 -1.87 6.30
N ALA B 193 -4.90 -1.90 7.56
CA ALA B 193 -5.78 -1.75 8.66
C ALA B 193 -5.18 -0.71 9.52
N THR B 194 -6.01 0.20 10.02
CA THR B 194 -5.61 1.06 11.11
C THR B 194 -6.47 0.73 12.34
N PHE B 195 -5.89 0.87 13.52
CA PHE B 195 -6.67 0.86 14.73
C PHE B 195 -6.05 1.72 15.80
N THR B 196 -6.88 2.41 16.59
CA THR B 196 -6.42 3.19 17.71
C THR B 196 -6.74 2.44 18.98
N PHE B 197 -5.81 2.50 19.92
CA PHE B 197 -5.94 1.76 21.16
C PHE B 197 -5.49 2.54 22.40
N LEU B 198 -6.00 2.11 23.55
CA LEU B 198 -5.61 2.63 24.83
C LEU B 198 -5.25 1.47 25.73
N ILE B 199 -3.95 1.24 25.88
CA ILE B 199 -3.43 0.23 26.79
C ILE B 199 -2.83 0.95 28.01
N LYS B 200 -3.54 0.83 29.13
CA LYS B 200 -3.24 1.54 30.35
C LYS B 200 -3.11 0.51 31.45
N SER B 201 -2.26 0.80 32.41
CA SER B 201 -2.04 -0.15 33.48
C SER B 201 -1.61 0.54 34.75
N SER B 202 -2.09 0.03 35.89
CA SER B 202 -1.58 0.46 37.19
C SER B 202 -0.41 -0.46 37.55
N ASP B 203 -0.32 -1.56 36.81
CA ASP B 203 0.84 -2.42 36.87
C ASP B 203 2.13 -1.71 36.39
N SER B 204 3.25 -2.31 36.74
CA SER B 204 4.55 -1.98 36.18
C SER B 204 4.74 -2.71 34.85
N HIS B 205 4.00 -3.80 34.70
CA HIS B 205 4.25 -4.79 33.69
C HIS B 205 2.87 -5.03 33.11
N PRO B 206 2.31 -4.03 32.44
CA PRO B 206 1.03 -4.37 31.86
C PRO B 206 1.29 -5.54 30.93
N ALA B 207 0.31 -6.43 30.81
CA ALA B 207 0.35 -7.47 29.78
C ALA B 207 -1.05 -7.92 29.35
N ASP B 208 -1.19 -8.49 28.16
CA ASP B 208 -0.08 -8.76 27.25
C ASP B 208 -0.04 -7.84 26.04
N GLY B 209 -1.06 -7.90 25.18
CA GLY B 209 -1.02 -7.10 23.97
C GLY B 209 -2.24 -7.27 23.09
N ILE B 210 -2.22 -6.54 21.98
CA ILE B 210 -3.32 -6.52 21.05
C ILE B 210 -2.77 -6.99 19.74
N ALA B 211 -3.60 -7.62 18.91
CA ALA B 211 -3.16 -8.00 17.58
C ALA B 211 -4.22 -7.83 16.50
N PHE B 212 -3.79 -7.38 15.32
CA PHE B 212 -4.62 -7.47 14.13
C PHE B 212 -4.30 -8.79 13.48
N PHE B 213 -5.32 -9.58 13.17
CA PHE B 213 -5.07 -10.91 12.63
C PHE B 213 -5.96 -11.22 11.45
N ILE B 214 -5.44 -12.09 10.59
CA ILE B 214 -6.21 -12.70 9.52
C ILE B 214 -6.17 -14.21 9.70
N SER B 215 -7.30 -14.86 9.52
CA SER B 215 -7.37 -16.29 9.69
C SER B 215 -8.54 -16.72 8.86
N ASN B 216 -8.79 -18.02 8.81
CA ASN B 216 -9.85 -18.51 7.94
C ASN B 216 -11.21 -18.14 8.55
N ILE B 217 -12.23 -18.33 7.72
CA ILE B 217 -13.58 -17.81 7.95
C ILE B 217 -14.17 -18.22 9.28
N ASP B 218 -14.02 -19.48 9.68
CA ASP B 218 -14.73 -19.95 10.89
C ASP B 218 -13.70 -20.13 11.98
N SER B 219 -12.74 -19.22 11.97
CA SER B 219 -11.81 -19.04 13.06
C SER B 219 -12.45 -18.71 14.39
N SER B 220 -12.16 -19.54 15.38
CA SER B 220 -12.57 -19.27 16.75
C SER B 220 -11.35 -19.19 17.65
N ILE B 221 -11.52 -18.58 18.81
CA ILE B 221 -10.41 -18.44 19.75
C ILE B 221 -9.96 -19.87 20.07
N PRO B 222 -8.71 -20.26 19.67
CA PRO B 222 -8.27 -21.64 19.94
C PRO B 222 -8.01 -21.84 21.43
N SER B 223 -8.27 -23.04 21.93
CA SER B 223 -8.06 -23.35 23.34
C SER B 223 -6.63 -23.06 23.76
N GLY B 224 -6.41 -22.95 25.06
CA GLY B 224 -5.09 -22.68 25.59
C GLY B 224 -4.45 -21.46 24.97
N SER B 225 -5.29 -20.55 24.47
CA SER B 225 -4.81 -19.32 23.84
C SER B 225 -5.18 -18.10 24.67
N THR B 226 -4.37 -17.80 25.69
CA THR B 226 -4.61 -16.67 26.56
C THR B 226 -3.27 -16.12 26.99
N GLY B 227 -3.27 -15.02 27.73
CA GLY B 227 -2.03 -14.31 28.07
C GLY B 227 -1.13 -14.15 26.86
N ARG B 228 0.03 -14.80 26.90
CA ARG B 228 1.10 -14.64 25.90
C ARG B 228 0.76 -15.10 24.49
N LEU B 229 -0.23 -15.96 24.35
CA LEU B 229 -0.65 -16.36 23.02
C LEU B 229 -1.70 -15.43 22.39
N LEU B 230 -2.08 -14.37 23.11
CA LEU B 230 -2.83 -13.23 22.54
C LEU B 230 -4.12 -13.60 21.80
N GLY B 231 -4.64 -14.79 22.09
CA GLY B 231 -5.92 -15.26 21.57
C GLY B 231 -5.81 -15.82 20.19
N LEU B 232 -4.59 -16.02 19.72
CA LEU B 232 -4.39 -16.38 18.32
C LEU B 232 -3.94 -17.83 18.13
N PHE B 233 -3.08 -18.33 19.03
CA PHE B 233 -2.43 -19.62 18.83
C PHE B 233 -2.71 -20.58 20.00
N PRO B 234 -2.85 -21.89 19.71
CA PRO B 234 -3.18 -22.82 20.78
C PRO B 234 -2.03 -23.04 21.78
N ASP B 235 -0.79 -22.96 21.25
CA ASP B 235 0.44 -23.25 21.97
C ASP B 235 1.49 -22.28 21.47
N ALA B 236 2.77 -22.52 21.76
CA ALA B 236 3.83 -21.56 21.36
C ALA B 236 4.84 -22.11 20.35
N ASN B 237 4.40 -23.00 19.47
CA ASN B 237 5.25 -23.46 18.36
C ASN B 237 5.37 -22.36 17.30
CA CA C . 14.23 2.38 -23.65
MN MN D . 14.51 1.14 -19.70
CD CD E . 6.78 20.41 6.34
C1 PEG F . 14.62 -5.69 -5.66
O1 PEG F . 13.80 -6.15 -4.52
C2 PEG F . 15.55 -4.52 -5.30
O2 PEG F . 15.15 -3.93 -4.04
C3 PEG F . 16.26 -3.65 -3.19
C4 PEG F . 16.81 -2.29 -3.59
O4 PEG F . 17.88 -1.85 -2.72
C1 EDO G . -1.46 15.24 -0.91
O1 EDO G . -2.04 16.51 -1.22
C2 EDO G . -1.53 14.94 0.58
O2 EDO G . -0.76 13.75 0.88
N 4WM H . -8.36 4.42 -5.78
O4 4WM H . -8.62 2.07 -5.52
C12 4WM H . -7.66 3.12 -5.69
O3 4WM H . -6.93 2.89 -6.90
C13 4WM H . -5.51 2.98 -6.72
C16 4WM H . -5.08 4.44 -6.76
C15 4WM H . -5.16 2.35 -5.38
C14 4WM H . -4.82 2.20 -7.84
C8 4WM H . -9.75 4.20 -6.19
C9 4WM H . -10.38 5.53 -6.58
C10 4WM H . -11.89 5.38 -6.80
C11 4WM H . -12.60 6.71 -6.64
O2 4WM H . -13.99 6.56 -6.94
O1 4WM H . -12.45 7.19 -5.29
C7 4WM H . -10.54 3.58 -5.04
SE 4WM H . -10.69 4.75 -3.73
C2 4WM H . -12.40 5.14 -3.58
C3 4WM H . -12.75 5.33 -2.10
C4 4WM H . -14.21 5.05 -1.74
C5 4WM H . -15.17 5.14 -2.91
C6 4WM H . -14.75 4.29 -4.11
C1 4WM H . -13.23 4.03 -4.21
N 4WM I . -3.42 2.20 3.17
O4 4WM I . -1.05 2.30 3.06
C12 4WM I . -2.17 2.10 3.94
O3 4WM I . -2.15 3.09 4.97
C13 4WM I . -2.81 2.67 6.16
C16 4WM I . -3.01 1.16 6.13
C15 4WM I . -1.93 3.04 7.34
C14 4WM I . -4.15 3.38 6.28
C8 4WM I . -3.28 3.24 2.13
C9 4WM I . -4.65 3.84 1.81
C10 4WM I . -5.47 4.02 3.09
C11 4WM I . -6.57 2.97 3.17
O2 4WM I . -7.14 2.99 4.48
O1 4WM I . -7.59 3.30 2.20
C7 4WM I . -2.70 2.60 0.86
SE 4WM I . -2.60 0.85 1.08
C2 4WM I . -3.80 0.13 0.02
C3 4WM I . -4.88 1.15 -0.32
C4 4WM I . -5.96 0.54 -1.20
C5 4WM I . -6.59 -0.68 -0.53
C6 4WM I . -5.52 -1.70 -0.16
C1 4WM I . -4.44 -1.07 0.71
CA CA J . 4.56 -11.56 24.71
MN MN K . 6.05 -11.33 21.02
C1 EDO L . -16.21 7.29 20.90
O1 EDO L . -16.19 6.73 22.25
C2 EDO L . -15.47 6.30 20.01
O2 EDO L . -14.04 6.44 20.10
C1 EDO M . -11.01 -24.90 9.00
O1 EDO M . -11.73 -24.68 7.75
C2 EDO M . -11.94 -24.60 10.18
O2 EDO M . -11.19 -24.02 11.26
#